data_7JXF
#
_entry.id   7JXF
#
_cell.length_a   125.442
_cell.length_b   125.442
_cell.length_c   67.049
_cell.angle_alpha   90.000
_cell.angle_beta   90.000
_cell.angle_gamma   120.000
#
_symmetry.space_group_name_H-M   'P 63'
#
loop_
_entity.id
_entity.type
_entity.pdbx_description
1 polymer 'Thymidylate synthase'
2 non-polymer "5-HYDROXYMETHYLURIDINE-2'-DEOXY-5'-MONOPHOSPHATE"
3 non-polymer 'N-[4-({[(6S)-2,4-diamino-5,6,7,8-tetrahydropyrido[3,2-d]pyrimidin-6-yl]methyl}amino)benzene-1-carbonyl]-L-glutamic acid'
4 non-polymer 'SODIUM ION'
5 non-polymer '(2S)-2-({4-[({(6S)-2,4-diamino-5-[(1-{(2R,4S,5R)-4-hydroxy-5-[(phosphonooxy)methyl]tetrahydrofuran-2-yl}-2,4-dioxo-1,2,3,4-tetrahydropyrimidin-5-yl)methyl]-5,6,7,8-tetrahydropyrido[3,2-d]pyrimidin-6-yl}methyl)amino]benzoyl}amino)pentanedioic acid (non-preferred name)'
6 water water
#
_entity_poly.entity_id   1
_entity_poly.type   'polypeptide(L)'
_entity_poly.pdbx_seq_one_letter_code
;(CXM)KQYLELMQKVLDEGTQKNDRTGTGTLSIFGHQMRFNLQDGFPLVTTKRCHLRSIIHELLWFLQGDTNIAYLHENN
VTIWDEWADENGDLGPVYGKQWRAWPTPDGRHIDQITTVLNQLKNDPDSRRIIVSAWNVGELDKMALAPCHAFFQFYVAD
GKLSCQLYQRSCDVFLGLPFNIASYALLVHMMAQQCDLEVGDFVWTGGDTHLYSNHMDQTHLQLSREPRPLPKLIIKRKP
ESIFDYRFEDFEIEGYDPHPGIKAPVAI
;
_entity_poly.pdbx_strand_id   A,B
#
# COMPACT_ATOMS: atom_id res chain seq x y z
N LYS A 2 0.43 -21.54 -7.63
CA LYS A 2 -0.98 -21.32 -7.97
C LYS A 2 -1.40 -19.83 -8.00
N GLN A 3 -1.07 -19.10 -6.94
CA GLN A 3 -1.48 -17.70 -6.84
C GLN A 3 -0.86 -16.87 -7.96
N TYR A 4 0.39 -17.15 -8.26
CA TYR A 4 1.11 -16.41 -9.30
C TYR A 4 0.54 -16.69 -10.69
N LEU A 5 0.27 -17.96 -11.00
CA LEU A 5 -0.32 -18.26 -12.31
C LEU A 5 -1.74 -17.70 -12.42
N GLU A 6 -2.50 -17.68 -11.31
CA GLU A 6 -3.82 -17.07 -11.36
C GLU A 6 -3.73 -15.57 -11.63
N LEU A 7 -2.71 -14.90 -11.07
CA LEU A 7 -2.51 -13.48 -11.36
C LEU A 7 -2.16 -13.29 -12.83
N MET A 8 -1.25 -14.08 -13.37
CA MET A 8 -0.92 -13.94 -14.78
C MET A 8 -2.19 -14.03 -15.62
N GLN A 9 -3.01 -15.05 -15.37
CA GLN A 9 -4.21 -15.23 -16.17
C GLN A 9 -5.17 -14.07 -16.00
N LYS A 10 -5.23 -13.46 -14.82
CA LYS A 10 -6.12 -12.33 -14.59
C LYS A 10 -5.66 -11.10 -15.40
N VAL A 11 -4.35 -10.82 -15.41
CA VAL A 11 -3.85 -9.73 -16.25
C VAL A 11 -4.20 -10.00 -17.70
N LEU A 12 -4.00 -11.24 -18.14
CA LEU A 12 -4.32 -11.56 -19.53
C LEU A 12 -5.80 -11.41 -19.82
N ASP A 13 -6.66 -11.86 -18.91
CA ASP A 13 -8.08 -11.84 -19.18
C ASP A 13 -8.70 -10.44 -19.00
N GLU A 14 -8.17 -9.64 -18.09
N GLU A 14 -8.20 -9.63 -18.08
CA GLU A 14 -8.83 -8.42 -17.63
CA GLU A 14 -8.86 -8.38 -17.73
C GLU A 14 -8.01 -7.16 -17.87
C GLU A 14 -8.06 -7.14 -18.08
N GLY A 15 -6.76 -7.28 -18.36
CA GLY A 15 -5.91 -6.12 -18.50
C GLY A 15 -6.24 -5.28 -19.72
N THR A 16 -5.72 -4.06 -19.74
N THR A 16 -5.77 -4.04 -19.64
CA THR A 16 -5.90 -3.21 -20.91
CA THR A 16 -5.89 -3.03 -20.69
C THR A 16 -4.54 -2.75 -21.41
C THR A 16 -4.51 -2.82 -21.31
N GLN A 17 -4.49 -2.40 -22.69
N GLN A 17 -4.47 -2.67 -22.64
CA GLN A 17 -3.24 -1.96 -23.29
CA GLN A 17 -3.21 -2.47 -23.35
C GLN A 17 -2.85 -0.58 -22.76
C GLN A 17 -2.86 -0.99 -23.36
N LYS A 18 -1.60 -0.43 -22.35
N LYS A 18 -1.64 -0.65 -22.91
CA LYS A 18 -1.04 0.87 -21.98
CA LYS A 18 -1.24 0.73 -22.74
C LYS A 18 0.34 1.02 -22.62
C LYS A 18 0.18 0.94 -23.23
N ASN A 19 0.62 2.20 -23.16
CA ASN A 19 2.01 2.57 -23.41
C ASN A 19 2.70 2.74 -22.06
N ASP A 20 4.02 2.84 -22.08
CA ASP A 20 4.73 3.02 -20.82
C ASP A 20 6.03 3.79 -21.03
N ARG A 21 6.59 4.23 -19.90
CA ARG A 21 7.86 4.95 -19.85
C ARG A 21 8.92 4.35 -20.77
N THR A 22 9.05 3.01 -20.76
CA THR A 22 10.14 2.34 -21.46
C THR A 22 9.94 2.23 -22.96
N GLY A 23 8.75 2.55 -23.47
CA GLY A 23 8.48 2.43 -24.89
C GLY A 23 8.06 1.05 -25.35
N THR A 24 7.87 0.09 -24.43
CA THR A 24 7.62 -1.30 -24.78
C THR A 24 6.15 -1.62 -24.95
N GLY A 25 5.31 -1.10 -24.07
CA GLY A 25 3.89 -1.44 -24.10
C GLY A 25 3.59 -2.55 -23.11
N THR A 26 2.46 -2.43 -22.43
CA THR A 26 2.06 -3.41 -21.43
C THR A 26 0.57 -3.73 -21.56
N LEU A 27 0.20 -4.83 -20.91
CA LEU A 27 -1.18 -5.19 -20.58
C LEU A 27 -1.26 -5.07 -19.06
N SER A 28 -2.23 -4.30 -18.57
N SER A 28 -2.16 -4.24 -18.55
CA SER A 28 -2.19 -3.86 -17.18
CA SER A 28 -2.13 -4.00 -17.12
C SER A 28 -3.55 -3.98 -16.50
C SER A 28 -3.52 -3.99 -16.50
N ILE A 29 -3.55 -4.41 -15.24
CA ILE A 29 -4.67 -4.21 -14.32
C ILE A 29 -4.19 -3.32 -13.18
N PHE A 30 -5.15 -2.84 -12.40
CA PHE A 30 -4.85 -1.97 -11.27
C PHE A 30 -5.52 -2.56 -10.04
N GLY A 31 -4.72 -2.96 -9.07
CA GLY A 31 -5.25 -3.50 -7.84
C GLY A 31 -5.37 -4.99 -7.87
N HIS A 32 -4.56 -5.66 -7.04
CA HIS A 32 -4.63 -7.09 -6.87
C HIS A 32 -4.09 -7.41 -5.49
N GLN A 33 -4.53 -8.56 -4.94
CA GLN A 33 -3.97 -9.02 -3.66
C GLN A 33 -3.93 -10.54 -3.65
N MET A 34 -2.84 -11.09 -3.12
CA MET A 34 -2.74 -12.53 -2.92
C MET A 34 -1.92 -12.79 -1.67
N ARG A 35 -2.07 -14.00 -1.15
N ARG A 35 -1.99 -14.02 -1.16
CA ARG A 35 -1.46 -14.39 0.09
CA ARG A 35 -1.49 -14.35 0.17
C ARG A 35 -0.62 -15.64 -0.11
C ARG A 35 -0.77 -15.69 0.18
N PHE A 36 0.48 -15.69 0.64
CA PHE A 36 1.30 -16.91 0.74
C PHE A 36 1.48 -17.25 2.21
N ASN A 37 0.95 -18.40 2.64
CA ASN A 37 1.20 -18.86 4.01
C ASN A 37 2.59 -19.48 4.00
N LEU A 38 3.54 -18.82 4.67
CA LEU A 38 4.92 -19.29 4.55
C LEU A 38 5.15 -20.63 5.25
N GLN A 39 4.23 -21.08 6.09
CA GLN A 39 4.34 -22.44 6.62
C GLN A 39 3.98 -23.50 5.59
N ASP A 40 3.38 -23.13 4.47
CA ASP A 40 3.13 -24.09 3.41
C ASP A 40 4.40 -24.39 2.63
N GLY A 41 5.40 -23.51 2.73
CA GLY A 41 6.60 -23.65 1.92
C GLY A 41 7.12 -22.30 1.48
N PHE A 42 8.34 -22.27 1.02
CA PHE A 42 8.98 -21.04 0.63
C PHE A 42 8.48 -20.67 -0.78
N PRO A 43 7.89 -19.50 -0.97
CA PRO A 43 7.22 -19.16 -2.25
C PRO A 43 8.16 -18.68 -3.35
N LEU A 44 8.97 -19.62 -3.84
CA LEU A 44 9.83 -19.43 -4.99
C LEU A 44 9.19 -20.11 -6.19
N VAL A 45 8.86 -19.33 -7.20
CA VAL A 45 8.21 -19.84 -8.40
C VAL A 45 8.93 -21.11 -8.91
N THR A 46 8.12 -22.16 -9.17
CA THR A 46 8.59 -23.43 -9.71
C THR A 46 8.29 -23.65 -11.18
N THR A 47 7.37 -22.87 -11.79
CA THR A 47 7.06 -23.10 -13.20
C THR A 47 8.07 -22.46 -14.16
N LYS A 48 9.11 -21.81 -13.62
CA LYS A 48 10.36 -21.55 -14.34
C LYS A 48 11.47 -21.50 -13.29
N ARG A 49 12.69 -21.80 -13.70
CA ARG A 49 13.80 -21.74 -12.76
C ARG A 49 14.09 -20.29 -12.42
N CYS A 50 14.08 -19.98 -11.12
CA CYS A 50 14.43 -18.66 -10.61
C CYS A 50 15.71 -18.80 -9.80
N HIS A 51 16.59 -17.82 -9.89
CA HIS A 51 17.91 -17.95 -9.28
C HIS A 51 17.92 -17.21 -7.94
N LEU A 52 17.85 -18.02 -6.88
CA LEU A 52 17.75 -17.45 -5.55
C LEU A 52 19.02 -16.74 -5.15
N ARG A 53 20.16 -17.07 -5.77
CA ARG A 53 21.42 -16.48 -5.32
C ARG A 53 21.38 -14.96 -5.44
N SER A 54 20.84 -14.45 -6.54
CA SER A 54 20.76 -13.00 -6.71
C SER A 54 19.77 -12.40 -5.72
N ILE A 55 18.68 -13.10 -5.46
CA ILE A 55 17.67 -12.61 -4.51
C ILE A 55 18.29 -12.43 -3.14
N ILE A 56 19.05 -13.44 -2.68
CA ILE A 56 19.64 -13.36 -1.35
C ILE A 56 20.62 -12.21 -1.27
N HIS A 57 21.54 -12.14 -2.22
CA HIS A 57 22.53 -11.08 -2.15
C HIS A 57 21.89 -9.71 -2.21
N GLU A 58 20.89 -9.53 -3.09
CA GLU A 58 20.21 -8.24 -3.18
C GLU A 58 19.61 -7.87 -1.83
N LEU A 59 18.99 -8.82 -1.14
CA LEU A 59 18.39 -8.50 0.16
C LEU A 59 19.45 -8.14 1.19
N LEU A 60 20.57 -8.89 1.24
CA LEU A 60 21.62 -8.56 2.19
C LEU A 60 22.16 -7.15 1.92
N TRP A 61 22.24 -6.80 0.63
CA TRP A 61 22.69 -5.47 0.20
C TRP A 61 21.74 -4.37 0.66
N PHE A 62 20.43 -4.54 0.43
CA PHE A 62 19.42 -3.63 0.95
C PHE A 62 19.61 -3.42 2.44
N LEU A 63 19.71 -4.52 3.18
CA LEU A 63 19.80 -4.44 4.63
C LEU A 63 21.08 -3.75 5.12
N GLN A 64 22.17 -3.81 4.36
CA GLN A 64 23.36 -3.03 4.67
C GLN A 64 23.17 -1.54 4.45
N GLY A 65 22.13 -1.14 3.72
CA GLY A 65 21.93 0.25 3.37
C GLY A 65 22.69 0.69 2.15
N ASP A 66 23.15 -0.25 1.35
CA ASP A 66 23.98 0.03 0.19
C ASP A 66 23.11 0.35 -1.01
N THR A 67 23.62 1.27 -1.86
CA THR A 67 22.95 1.61 -3.11
C THR A 67 23.93 1.69 -4.28
N ASN A 68 25.12 1.09 -4.18
CA ASN A 68 26.11 1.00 -5.25
C ASN A 68 26.24 -0.48 -5.62
N ILE A 69 26.39 -0.78 -6.91
CA ILE A 69 26.35 -2.18 -7.35
C ILE A 69 27.66 -2.92 -7.14
N ALA A 70 28.69 -2.28 -6.58
CA ALA A 70 29.98 -2.95 -6.39
C ALA A 70 29.84 -4.25 -5.59
N TYR A 71 29.13 -4.20 -4.47
CA TYR A 71 28.91 -5.42 -3.69
C TYR A 71 28.23 -6.50 -4.52
N LEU A 72 27.23 -6.12 -5.31
CA LEU A 72 26.55 -7.09 -6.14
C LEU A 72 27.54 -7.72 -7.13
N HIS A 73 28.44 -6.91 -7.70
CA HIS A 73 29.42 -7.47 -8.65
C HIS A 73 30.43 -8.38 -7.97
N GLU A 74 30.86 -8.04 -6.74
CA GLU A 74 31.72 -8.94 -5.96
C GLU A 74 31.09 -10.33 -5.88
N ASN A 75 29.77 -10.41 -5.98
CA ASN A 75 29.03 -11.67 -5.83
C ASN A 75 28.36 -12.07 -7.13
N ASN A 76 28.83 -11.50 -8.24
CA ASN A 76 28.38 -11.84 -9.59
C ASN A 76 26.87 -11.75 -9.73
N VAL A 77 26.32 -10.61 -9.28
CA VAL A 77 24.91 -10.29 -9.40
C VAL A 77 24.80 -9.05 -10.27
N THR A 78 24.11 -9.20 -11.40
CA THR A 78 24.07 -8.16 -12.42
C THR A 78 22.70 -7.53 -12.59
N ILE A 79 21.74 -7.84 -11.71
CA ILE A 79 20.36 -7.43 -11.95
C ILE A 79 20.12 -5.93 -11.90
N TRP A 80 21.05 -5.15 -11.36
CA TRP A 80 20.89 -3.70 -11.28
C TRP A 80 21.79 -2.95 -12.26
N ASP A 81 22.56 -3.67 -13.09
CA ASP A 81 23.52 -3.02 -13.96
C ASP A 81 22.88 -1.98 -14.86
N GLU A 82 21.68 -2.25 -15.38
CA GLU A 82 21.18 -1.40 -16.44
C GLU A 82 20.85 0.00 -15.97
N TRP A 83 20.68 0.22 -14.66
CA TRP A 83 20.27 1.52 -14.17
C TRP A 83 21.35 2.27 -13.40
N ALA A 84 22.49 1.66 -13.13
CA ALA A 84 23.56 2.30 -12.40
C ALA A 84 24.31 3.30 -13.27
N ASP A 85 24.82 4.35 -12.61
CA ASP A 85 25.64 5.35 -13.31
C ASP A 85 27.08 4.84 -13.47
N GLU A 86 27.94 5.69 -14.05
CA GLU A 86 29.29 5.28 -14.43
C GLU A 86 30.10 4.82 -13.22
N ASN A 87 29.71 5.22 -12.02
CA ASN A 87 30.40 4.85 -10.80
C ASN A 87 29.70 3.72 -10.04
N GLY A 88 28.65 3.14 -10.64
CA GLY A 88 27.87 2.09 -10.02
C GLY A 88 26.79 2.54 -9.09
N ASP A 89 26.50 3.84 -9.02
N ASP A 89 26.54 3.86 -9.01
CA ASP A 89 25.53 4.36 -8.07
CA ASP A 89 25.52 4.39 -8.11
C ASP A 89 24.11 4.40 -8.62
C ASP A 89 24.11 4.24 -8.67
N LEU A 90 23.16 4.03 -7.77
CA LEU A 90 21.74 4.10 -8.07
C LEU A 90 21.04 5.27 -7.44
N GLY A 91 21.73 6.07 -6.62
CA GLY A 91 21.07 7.08 -5.83
C GLY A 91 20.40 6.47 -4.61
N PRO A 92 19.60 7.25 -3.87
CA PRO A 92 19.07 6.83 -2.56
C PRO A 92 17.84 5.92 -2.65
N VAL A 93 18.02 4.78 -3.30
CA VAL A 93 16.95 3.79 -3.48
C VAL A 93 16.84 2.94 -2.20
N TYR A 94 16.22 1.76 -2.35
CA TYR A 94 15.74 0.98 -1.21
C TYR A 94 16.67 0.96 -0.02
N GLY A 95 17.90 0.49 -0.17
CA GLY A 95 18.75 0.30 1.00
C GLY A 95 18.93 1.58 1.79
N LYS A 96 19.07 2.70 1.08
CA LYS A 96 19.28 3.98 1.77
C LYS A 96 18.05 4.38 2.54
N GLN A 97 16.86 4.24 1.92
CA GLN A 97 15.66 4.65 2.63
C GLN A 97 15.33 3.70 3.79
N TRP A 98 15.61 2.42 3.61
CA TRP A 98 15.36 1.47 4.69
C TRP A 98 16.20 1.76 5.93
N ARG A 99 17.48 2.09 5.74
CA ARG A 99 18.43 2.24 6.86
C ARG A 99 18.66 3.68 7.28
N ALA A 100 18.31 4.67 6.45
CA ALA A 100 18.71 6.04 6.74
C ALA A 100 17.83 7.02 5.97
N TRP A 101 16.53 6.96 6.20
CA TRP A 101 15.63 7.92 5.58
C TRP A 101 15.95 9.32 6.09
N PRO A 102 16.28 10.28 5.22
CA PRO A 102 16.68 11.61 5.69
C PRO A 102 15.46 12.49 6.04
N THR A 103 15.52 13.12 7.20
CA THR A 103 14.47 14.05 7.63
C THR A 103 14.81 15.47 7.24
N PRO A 104 13.84 16.39 7.34
CA PRO A 104 14.15 17.79 7.03
C PRO A 104 15.09 18.45 8.04
N ASP A 105 15.15 17.98 9.29
CA ASP A 105 15.96 18.62 10.32
C ASP A 105 17.31 17.92 10.52
N GLY A 106 17.78 17.18 9.52
CA GLY A 106 19.13 16.65 9.53
C GLY A 106 19.28 15.26 10.14
N ARG A 107 18.20 14.63 10.60
CA ARG A 107 18.27 13.29 11.15
C ARG A 107 18.14 12.26 10.03
N HIS A 108 18.42 11.01 10.39
CA HIS A 108 18.20 9.87 9.50
C HIS A 108 17.55 8.77 10.32
N ILE A 109 16.54 8.11 9.74
N ILE A 109 16.52 8.13 9.76
CA ILE A 109 15.72 7.14 10.45
CA ILE A 109 15.74 7.14 10.51
C ILE A 109 16.05 5.76 9.91
C ILE A 109 16.03 5.77 9.94
N ASP A 110 16.49 4.88 10.80
CA ASP A 110 16.74 3.48 10.46
C ASP A 110 15.42 2.74 10.66
N GLN A 111 14.69 2.57 9.56
CA GLN A 111 13.37 1.96 9.63
C GLN A 111 13.44 0.47 9.96
N ILE A 112 14.51 -0.23 9.55
CA ILE A 112 14.62 -1.66 9.84
C ILE A 112 14.82 -1.87 11.34
N THR A 113 15.73 -1.10 11.93
CA THR A 113 15.90 -1.18 13.39
C THR A 113 14.61 -0.79 14.10
N THR A 114 13.91 0.21 13.59
CA THR A 114 12.66 0.62 14.21
C THR A 114 11.64 -0.53 14.21
N VAL A 115 11.45 -1.17 13.06
N VAL A 115 11.46 -1.22 13.08
CA VAL A 115 10.50 -2.27 12.97
CA VAL A 115 10.43 -2.25 13.06
C VAL A 115 10.90 -3.39 13.93
C VAL A 115 10.88 -3.48 13.84
N LEU A 116 12.18 -3.73 13.94
CA LEU A 116 12.63 -4.83 14.79
C LEU A 116 12.28 -4.54 16.23
N ASN A 117 12.53 -3.32 16.67
CA ASN A 117 12.23 -2.99 18.06
C ASN A 117 10.72 -2.96 18.32
N GLN A 118 9.92 -2.51 17.35
CA GLN A 118 8.46 -2.58 17.53
C GLN A 118 8.00 -4.02 17.65
N LEU A 119 8.53 -4.93 16.81
CA LEU A 119 8.09 -6.32 16.87
C LEU A 119 8.46 -6.96 18.20
N LYS A 120 9.60 -6.59 18.77
CA LYS A 120 10.03 -7.14 20.04
C LYS A 120 9.24 -6.54 21.21
N ASN A 121 8.93 -5.25 21.16
CA ASN A 121 8.37 -4.54 22.30
C ASN A 121 6.90 -4.16 22.20
N ASP A 122 6.36 -4.05 20.99
CA ASP A 122 5.02 -3.55 20.78
C ASP A 122 4.45 -4.20 19.53
N PRO A 123 4.41 -5.54 19.48
CA PRO A 123 3.98 -6.22 18.26
C PRO A 123 2.54 -5.99 17.89
N ASP A 124 1.69 -5.49 18.82
CA ASP A 124 0.32 -5.17 18.48
C ASP A 124 0.19 -3.82 17.79
N SER A 125 1.27 -3.08 17.70
CA SER A 125 1.21 -1.79 17.02
C SER A 125 0.70 -1.94 15.60
N ARG A 126 -0.10 -0.98 15.16
CA ARG A 126 -0.65 -0.94 13.82
C ARG A 126 0.15 -0.03 12.91
N ARG A 127 1.36 0.32 13.32
CA ARG A 127 2.19 1.16 12.44
C ARG A 127 3.63 0.65 12.38
N ILE A 128 3.77 -0.67 12.22
CA ILE A 128 5.08 -1.31 12.04
C ILE A 128 5.34 -1.29 10.54
N ILE A 129 5.90 -0.18 10.06
N ILE A 129 5.90 -0.18 10.07
CA ILE A 129 5.93 0.14 8.63
CA ILE A 129 5.96 0.18 8.67
C ILE A 129 7.32 0.54 8.20
C ILE A 129 7.40 0.43 8.25
N VAL A 130 7.69 0.10 7.00
CA VAL A 130 8.88 0.58 6.30
C VAL A 130 8.41 1.18 4.98
N SER A 131 8.84 2.41 4.70
CA SER A 131 8.53 3.02 3.41
C SER A 131 9.81 3.37 2.66
N ALA A 132 9.86 3.02 1.38
CA ALA A 132 10.89 3.54 0.50
C ALA A 132 10.44 4.75 -0.29
N TRP A 133 9.18 5.15 -0.17
CA TRP A 133 8.62 6.20 -1.04
C TRP A 133 8.93 7.56 -0.40
N ASN A 134 10.18 7.97 -0.55
CA ASN A 134 10.63 9.24 -0.01
C ASN A 134 10.44 10.27 -1.12
N VAL A 135 9.32 10.98 -1.05
CA VAL A 135 8.89 11.90 -2.11
C VAL A 135 9.98 12.90 -2.44
N GLY A 136 10.64 13.43 -1.41
CA GLY A 136 11.67 14.44 -1.55
C GLY A 136 12.96 13.95 -2.17
N GLU A 137 13.14 12.65 -2.35
CA GLU A 137 14.35 12.11 -2.93
C GLU A 137 14.11 11.31 -4.19
N LEU A 138 12.87 11.22 -4.66
CA LEU A 138 12.61 10.45 -5.86
C LEU A 138 13.48 10.90 -7.03
N ASP A 139 13.68 12.21 -7.17
CA ASP A 139 14.35 12.74 -8.35
C ASP A 139 15.84 12.39 -8.36
N LYS A 140 16.37 11.88 -7.25
CA LYS A 140 17.76 11.46 -7.14
C LYS A 140 17.94 9.97 -7.42
N MET A 141 16.84 9.22 -7.48
CA MET A 141 16.88 7.78 -7.65
C MET A 141 16.96 7.39 -9.12
N ALA A 142 17.71 6.32 -9.40
CA ALA A 142 17.80 5.86 -10.78
C ALA A 142 16.47 5.33 -11.28
N LEU A 143 15.70 4.74 -10.38
CA LEU A 143 14.34 4.25 -10.60
C LEU A 143 13.54 4.58 -9.35
N ALA A 144 12.30 4.98 -9.51
CA ALA A 144 11.41 5.13 -8.37
C ALA A 144 11.12 3.76 -7.76
N PRO A 145 10.98 3.71 -6.44
CA PRO A 145 10.77 2.41 -5.79
C PRO A 145 9.52 1.71 -6.32
N CYS A 146 9.67 0.44 -6.68
CA CYS A 146 8.53 -0.38 -7.09
C CYS A 146 7.90 -1.10 -5.90
N HIS A 147 8.70 -1.79 -5.09
CA HIS A 147 8.19 -2.38 -3.85
C HIS A 147 8.33 -1.26 -2.82
N ALA A 148 7.25 -0.51 -2.63
CA ALA A 148 7.33 0.87 -2.13
C ALA A 148 7.13 1.00 -0.63
N PHE A 149 6.39 0.10 0.01
CA PHE A 149 5.83 0.31 1.34
C PHE A 149 5.52 -1.08 1.87
N PHE A 150 5.92 -1.39 3.10
CA PHE A 150 5.49 -2.67 3.65
C PHE A 150 5.22 -2.55 5.15
N GLN A 151 4.34 -3.44 5.64
CA GLN A 151 3.84 -3.40 7.00
C GLN A 151 3.90 -4.78 7.62
N PHE A 152 4.29 -4.85 8.88
CA PHE A 152 4.30 -6.12 9.60
C PHE A 152 3.11 -6.21 10.58
N TYR A 153 2.85 -7.44 11.01
CA TYR A 153 1.69 -7.79 11.83
C TYR A 153 1.98 -9.10 12.55
N VAL A 154 1.51 -9.24 13.79
CA VAL A 154 1.79 -10.40 14.61
C VAL A 154 0.50 -10.92 15.21
N ALA A 155 0.24 -12.21 15.00
CA ALA A 155 -0.90 -12.86 15.66
C ALA A 155 -0.59 -14.34 15.85
N ASP A 156 -1.02 -14.88 16.98
CA ASP A 156 -0.87 -16.31 17.24
C ASP A 156 0.60 -16.74 17.11
N GLY A 157 1.51 -15.87 17.56
CA GLY A 157 2.93 -16.15 17.50
C GLY A 157 3.55 -16.16 16.12
N LYS A 158 2.85 -15.68 15.10
CA LYS A 158 3.33 -15.68 13.73
C LYS A 158 3.51 -14.25 13.21
N LEU A 159 4.58 -14.05 12.46
CA LEU A 159 4.88 -12.77 11.81
C LEU A 159 4.36 -12.78 10.38
N SER A 160 3.51 -11.81 10.07
CA SER A 160 3.08 -11.56 8.69
C SER A 160 3.62 -10.22 8.20
N CYS A 161 3.57 -10.06 6.87
CA CYS A 161 4.05 -8.85 6.21
C CYS A 161 3.19 -8.62 4.98
N GLN A 162 2.80 -7.36 4.76
CA GLN A 162 2.10 -6.97 3.55
C GLN A 162 2.99 -5.96 2.81
N LEU A 163 3.19 -6.22 1.51
CA LEU A 163 3.91 -5.32 0.61
C LEU A 163 2.91 -4.63 -0.31
N TYR A 164 3.05 -3.30 -0.47
CA TYR A 164 2.36 -2.56 -1.52
C TYR A 164 3.39 -2.34 -2.63
N GLN A 165 3.18 -3.00 -3.76
CA GLN A 165 4.07 -2.85 -4.92
C GLN A 165 3.34 -1.98 -5.94
N ARG A 166 3.77 -0.72 -6.08
CA ARG A 166 3.04 0.23 -6.90
C ARG A 166 3.16 -0.07 -8.39
N SER A 167 4.16 -0.83 -8.76
CA SER A 167 4.39 -1.16 -10.16
C SER A 167 5.01 -2.55 -10.19
N CYS A 168 4.45 -3.44 -11.00
CA CYS A 168 4.87 -4.84 -10.96
C CYS A 168 4.99 -5.40 -12.37
N ASP A 169 6.22 -5.72 -12.74
CA ASP A 169 6.53 -6.47 -13.96
C ASP A 169 6.25 -7.92 -13.61
N VAL A 170 5.09 -8.44 -14.01
CA VAL A 170 4.64 -9.71 -13.45
C VAL A 170 5.55 -10.86 -13.86
N PHE A 171 5.98 -10.89 -15.11
CA PHE A 171 6.79 -12.03 -15.57
C PHE A 171 8.21 -11.99 -14.99
N LEU A 172 8.91 -10.86 -15.13
CA LEU A 172 10.31 -10.84 -14.68
C LEU A 172 10.50 -10.41 -13.24
N GLY A 173 9.76 -9.42 -12.78
CA GLY A 173 10.01 -8.87 -11.47
C GLY A 173 9.37 -9.61 -10.32
N LEU A 174 8.09 -9.96 -10.45
CA LEU A 174 7.33 -10.45 -9.32
C LEU A 174 7.93 -11.70 -8.70
N PRO A 175 8.45 -12.69 -9.44
CA PRO A 175 9.01 -13.85 -8.73
C PRO A 175 10.10 -13.46 -7.76
N PHE A 176 10.93 -12.49 -8.14
CA PHE A 176 12.00 -12.03 -7.27
C PHE A 176 11.44 -11.26 -6.07
N ASN A 177 10.42 -10.42 -6.29
CA ASN A 177 9.85 -9.64 -5.20
C ASN A 177 9.23 -10.55 -4.16
N ILE A 178 8.47 -11.55 -4.59
CA ILE A 178 7.84 -12.44 -3.62
C ILE A 178 8.89 -13.13 -2.78
N ALA A 179 9.91 -13.70 -3.43
CA ALA A 179 10.88 -14.48 -2.69
C ALA A 179 11.69 -13.58 -1.75
N SER A 180 11.98 -12.37 -2.19
CA SER A 180 12.77 -11.45 -1.38
C SER A 180 12.06 -11.12 -0.07
N TYR A 181 10.78 -10.75 -0.13
CA TYR A 181 10.06 -10.42 1.08
C TYR A 181 9.78 -11.66 1.93
N ALA A 182 9.56 -12.82 1.32
CA ALA A 182 9.43 -14.02 2.12
C ALA A 182 10.70 -14.31 2.92
N LEU A 183 11.86 -14.16 2.29
N LEU A 183 11.87 -14.19 2.28
CA LEU A 183 13.10 -14.33 2.99
CA LEU A 183 13.13 -14.31 2.99
C LEU A 183 13.22 -13.34 4.14
C LEU A 183 13.17 -13.34 4.16
N LEU A 184 12.85 -12.07 3.90
CA LEU A 184 12.94 -11.06 4.94
C LEU A 184 12.04 -11.42 6.12
N VAL A 185 10.83 -11.96 5.85
CA VAL A 185 9.95 -12.36 6.95
C VAL A 185 10.57 -13.46 7.80
N HIS A 186 11.22 -14.45 7.16
CA HIS A 186 11.88 -15.50 7.89
C HIS A 186 12.99 -14.92 8.76
N MET A 187 13.76 -13.98 8.20
CA MET A 187 14.88 -13.41 8.97
C MET A 187 14.37 -12.61 10.15
N MET A 188 13.36 -11.78 9.95
N MET A 188 13.37 -11.76 9.91
CA MET A 188 12.86 -11.00 11.07
CA MET A 188 12.78 -10.97 10.98
C MET A 188 12.12 -11.86 12.07
C MET A 188 12.16 -11.87 12.04
N ALA A 189 11.45 -12.91 11.61
CA ALA A 189 10.79 -13.78 12.58
C ALA A 189 11.85 -14.47 13.43
N GLN A 190 12.96 -14.88 12.81
CA GLN A 190 14.03 -15.50 13.58
C GLN A 190 14.56 -14.55 14.66
N GLN A 191 14.81 -13.30 14.27
CA GLN A 191 15.37 -12.32 15.20
C GLN A 191 14.43 -11.97 16.33
N CYS A 192 13.12 -12.14 16.11
CA CYS A 192 12.08 -11.82 17.06
C CYS A 192 11.49 -13.04 17.75
N ASP A 193 12.06 -14.23 17.53
CA ASP A 193 11.58 -15.47 18.12
C ASP A 193 10.10 -15.71 17.79
N LEU A 194 9.71 -15.40 16.55
CA LEU A 194 8.36 -15.68 16.07
C LEU A 194 8.38 -16.77 15.02
N GLU A 195 7.22 -17.40 14.79
CA GLU A 195 7.05 -18.29 13.66
C GLU A 195 6.64 -17.49 12.43
N VAL A 196 6.67 -18.11 11.25
CA VAL A 196 6.32 -17.33 10.07
C VAL A 196 4.83 -17.42 9.81
N GLY A 197 4.24 -16.28 9.42
CA GLY A 197 2.83 -16.20 9.09
C GLY A 197 2.65 -16.09 7.59
N ASP A 198 1.89 -15.07 7.16
CA ASP A 198 1.60 -14.84 5.77
C ASP A 198 2.44 -13.71 5.20
N PHE A 199 2.83 -13.87 3.94
CA PHE A 199 3.23 -12.75 3.08
C PHE A 199 2.05 -12.37 2.21
N VAL A 200 1.55 -11.14 2.40
CA VAL A 200 0.44 -10.61 1.62
C VAL A 200 1.02 -9.69 0.57
N TRP A 201 0.80 -9.99 -0.70
CA TRP A 201 1.27 -9.15 -1.79
C TRP A 201 0.10 -8.34 -2.34
N THR A 202 0.27 -7.02 -2.39
CA THR A 202 -0.72 -6.11 -2.99
C THR A 202 -0.10 -5.31 -4.10
N GLY A 203 -0.76 -5.26 -5.24
CA GLY A 203 -0.25 -4.59 -6.43
C GLY A 203 -1.02 -3.34 -6.79
N GLY A 204 -0.29 -2.33 -7.28
CA GLY A 204 -0.89 -1.22 -7.99
C GLY A 204 -0.99 -1.51 -9.46
N ASP A 205 -0.16 -0.85 -10.29
CA ASP A 205 -0.11 -1.09 -11.73
C ASP A 205 0.61 -2.41 -11.96
N THR A 206 -0.16 -3.44 -12.24
CA THR A 206 0.29 -4.83 -12.28
C THR A 206 0.22 -5.25 -13.73
N HIS A 207 1.38 -5.51 -14.36
CA HIS A 207 1.39 -5.56 -15.81
C HIS A 207 2.27 -6.68 -16.35
N LEU A 208 1.91 -7.12 -17.54
CA LEU A 208 2.74 -7.97 -18.37
C LEU A 208 3.24 -7.15 -19.54
N TYR A 209 4.56 -7.13 -19.74
CA TYR A 209 5.08 -6.43 -20.90
C TYR A 209 4.69 -7.15 -22.18
N SER A 210 4.48 -6.36 -23.24
N SER A 210 4.51 -6.37 -23.24
CA SER A 210 4.05 -6.91 -24.52
CA SER A 210 4.03 -6.92 -24.50
C SER A 210 5.00 -7.99 -25.03
C SER A 210 5.02 -7.87 -25.16
N ASN A 211 6.31 -7.84 -24.78
CA ASN A 211 7.27 -8.82 -25.26
C ASN A 211 7.55 -9.93 -24.26
N HIS A 212 6.63 -10.14 -23.31
CA HIS A 212 6.68 -11.27 -22.39
C HIS A 212 5.52 -12.24 -22.62
N MET A 213 4.73 -12.03 -23.67
CA MET A 213 3.48 -12.77 -23.80
C MET A 213 3.71 -14.23 -24.16
N ASP A 214 4.61 -14.52 -25.11
CA ASP A 214 4.88 -15.91 -25.45
C ASP A 214 5.47 -16.64 -24.25
N GLN A 215 6.36 -15.97 -23.51
CA GLN A 215 6.94 -16.57 -22.32
C GLN A 215 5.89 -16.84 -21.26
N THR A 216 4.98 -15.89 -21.05
CA THR A 216 3.92 -16.03 -20.05
C THR A 216 3.04 -17.23 -20.35
N HIS A 217 2.62 -17.38 -21.61
CA HIS A 217 1.77 -18.50 -21.95
C HIS A 217 2.51 -19.82 -21.90
N LEU A 218 3.79 -19.85 -22.22
N LEU A 218 3.79 -19.84 -22.24
CA LEU A 218 4.57 -21.06 -22.01
CA LEU A 218 4.58 -21.06 -22.00
C LEU A 218 4.54 -21.47 -20.53
C LEU A 218 4.52 -21.46 -20.54
N GLN A 219 4.76 -20.51 -19.64
CA GLN A 219 4.76 -20.81 -18.21
C GLN A 219 3.39 -21.26 -17.75
N LEU A 220 2.32 -20.62 -18.27
CA LEU A 220 0.97 -21.00 -17.86
C LEU A 220 0.61 -22.42 -18.28
N SER A 221 1.34 -23.03 -19.22
CA SER A 221 1.06 -24.39 -19.63
C SER A 221 1.62 -25.42 -18.65
N ARG A 222 2.34 -24.98 -17.63
CA ARG A 222 3.06 -25.86 -16.72
C ARG A 222 2.36 -25.99 -15.39
N GLU A 223 2.49 -27.19 -14.77
N GLU A 223 2.49 -27.20 -14.77
CA GLU A 223 1.88 -27.42 -13.47
CA GLU A 223 1.89 -27.42 -13.46
C GLU A 223 2.88 -27.05 -12.36
C GLU A 223 2.88 -27.05 -12.36
N PRO A 224 2.48 -26.23 -11.39
CA PRO A 224 3.34 -25.95 -10.24
C PRO A 224 3.80 -27.23 -9.56
N ARG A 225 5.02 -27.17 -9.09
CA ARG A 225 5.65 -28.25 -8.33
C ARG A 225 5.55 -27.93 -6.85
N PRO A 226 5.87 -28.87 -5.98
CA PRO A 226 5.82 -28.58 -4.55
C PRO A 226 6.76 -27.43 -4.21
N LEU A 227 6.33 -26.59 -3.30
CA LEU A 227 7.17 -25.47 -2.91
C LEU A 227 8.42 -25.98 -2.21
N PRO A 228 9.56 -25.33 -2.42
CA PRO A 228 10.77 -25.68 -1.67
C PRO A 228 10.64 -25.26 -0.22
N LYS A 229 11.66 -25.59 0.57
N LYS A 229 11.64 -25.61 0.57
CA LYS A 229 11.69 -25.33 2.01
CA LYS A 229 11.69 -25.32 2.00
C LYS A 229 12.94 -24.53 2.33
C LYS A 229 12.93 -24.48 2.28
N LEU A 230 12.79 -23.48 3.14
CA LEU A 230 13.92 -22.63 3.52
C LEU A 230 14.45 -23.03 4.88
N ILE A 231 15.75 -23.32 4.94
CA ILE A 231 16.45 -23.68 6.16
C ILE A 231 17.45 -22.58 6.48
N ILE A 232 17.34 -21.98 7.66
CA ILE A 232 18.33 -21.03 8.15
C ILE A 232 19.20 -21.73 9.18
N LYS A 233 20.52 -21.64 9.01
CA LYS A 233 21.45 -22.49 9.70
C LYS A 233 22.21 -21.81 10.84
N ARG A 234 21.90 -20.57 11.14
CA ARG A 234 22.57 -19.82 12.20
C ARG A 234 21.57 -18.79 12.69
N LYS A 235 21.68 -18.38 13.98
CA LYS A 235 20.96 -17.18 14.42
C LYS A 235 21.97 -16.07 14.66
N PRO A 236 22.17 -15.15 13.71
CA PRO A 236 23.08 -14.03 13.93
C PRO A 236 22.58 -13.15 15.07
N GLU A 237 23.50 -12.33 15.60
CA GLU A 237 23.12 -11.48 16.71
C GLU A 237 22.27 -10.29 16.28
N SER A 238 22.19 -10.00 14.98
N SER A 238 22.14 -10.07 14.97
CA SER A 238 21.30 -8.94 14.52
CA SER A 238 21.45 -8.89 14.43
C SER A 238 20.84 -9.24 13.11
C SER A 238 20.85 -9.23 13.07
N ILE A 239 19.76 -8.54 12.73
CA ILE A 239 19.19 -8.67 11.38
C ILE A 239 20.18 -8.26 10.30
N PHE A 240 21.23 -7.51 10.66
CA PHE A 240 22.20 -7.02 9.69
C PHE A 240 23.41 -7.92 9.55
N ASP A 241 23.43 -9.06 10.23
CA ASP A 241 24.63 -9.88 10.30
C ASP A 241 24.47 -11.23 9.60
N TYR A 242 23.50 -11.38 8.72
CA TYR A 242 23.32 -12.63 7.97
C TYR A 242 24.38 -12.70 6.86
N ARG A 243 24.69 -13.93 6.46
CA ARG A 243 25.59 -14.22 5.37
C ARG A 243 24.88 -15.11 4.37
N PHE A 244 25.30 -15.02 3.12
CA PHE A 244 24.70 -15.82 2.06
C PHE A 244 24.63 -17.29 2.44
N GLU A 245 25.69 -17.81 3.01
CA GLU A 245 25.80 -19.22 3.34
C GLU A 245 24.92 -19.63 4.52
N ASP A 246 24.25 -18.69 5.18
CA ASP A 246 23.36 -19.09 6.25
C ASP A 246 22.06 -19.68 5.73
N PHE A 247 21.79 -19.58 4.44
CA PHE A 247 20.52 -19.97 3.85
C PHE A 247 20.68 -21.20 2.98
N GLU A 248 19.76 -22.13 3.11
CA GLU A 248 19.69 -23.24 2.18
C GLU A 248 18.24 -23.45 1.73
N ILE A 249 18.06 -23.65 0.44
N ILE A 249 18.03 -23.60 0.44
CA ILE A 249 16.76 -23.94 -0.15
CA ILE A 249 16.73 -23.94 -0.10
C ILE A 249 16.74 -25.43 -0.48
C ILE A 249 16.73 -25.42 -0.45
N GLU A 250 15.81 -26.17 0.12
CA GLU A 250 15.72 -27.60 -0.08
C GLU A 250 14.53 -27.93 -0.97
N GLY A 251 14.69 -28.95 -1.80
CA GLY A 251 13.57 -29.46 -2.58
C GLY A 251 13.10 -28.56 -3.69
N TYR A 252 13.97 -27.73 -4.25
CA TYR A 252 13.57 -26.85 -5.36
C TYR A 252 13.78 -27.60 -6.67
N ASP A 253 12.67 -27.90 -7.35
CA ASP A 253 12.66 -28.76 -8.54
C ASP A 253 11.90 -28.05 -9.64
N PRO A 254 12.41 -26.93 -10.13
CA PRO A 254 11.64 -26.12 -11.08
C PRO A 254 11.63 -26.70 -12.47
N HIS A 255 10.61 -26.30 -13.22
CA HIS A 255 10.59 -26.42 -14.67
C HIS A 255 11.71 -25.56 -15.23
N PRO A 256 12.06 -25.73 -16.50
CA PRO A 256 13.20 -24.98 -17.05
C PRO A 256 13.01 -23.47 -17.04
N GLY A 257 14.14 -22.76 -16.96
CA GLY A 257 14.10 -21.33 -17.09
C GLY A 257 13.49 -20.88 -18.41
N ILE A 258 12.96 -19.68 -18.41
CA ILE A 258 12.36 -19.04 -19.56
C ILE A 258 12.96 -17.65 -19.69
N LYS A 259 13.71 -17.41 -20.76
CA LYS A 259 14.36 -16.11 -20.94
C LYS A 259 13.40 -15.07 -21.49
N ALA A 260 13.54 -13.83 -21.00
CA ALA A 260 12.74 -12.72 -21.50
C ALA A 260 13.51 -11.43 -21.33
N PRO A 261 13.28 -10.45 -22.19
CA PRO A 261 14.06 -9.21 -22.12
C PRO A 261 13.50 -8.21 -21.12
N VAL A 262 14.41 -7.60 -20.34
CA VAL A 262 14.00 -6.58 -19.38
C VAL A 262 13.77 -5.25 -20.10
N ALA A 263 12.73 -4.54 -19.69
CA ALA A 263 12.40 -3.22 -20.24
C ALA A 263 13.18 -2.18 -19.43
N ILE A 264 14.08 -1.46 -20.09
CA ILE A 264 14.99 -0.56 -19.37
C ILE A 264 14.32 0.80 -19.16
N LYS B 2 -22.39 -4.36 0.04
CA LYS B 2 -22.12 -5.79 0.11
C LYS B 2 -20.69 -6.14 0.51
N GLN B 3 -19.70 -5.52 -0.14
CA GLN B 3 -18.31 -5.82 0.20
C GLN B 3 -17.97 -5.40 1.62
N TYR B 4 -18.56 -4.30 2.08
CA TYR B 4 -18.30 -3.84 3.43
C TYR B 4 -18.87 -4.80 4.47
N LEU B 5 -20.13 -5.25 4.27
CA LEU B 5 -20.71 -6.21 5.20
C LEU B 5 -19.99 -7.56 5.15
N GLU B 6 -19.49 -7.96 3.98
CA GLU B 6 -18.67 -9.16 3.93
C GLU B 6 -17.41 -9.02 4.76
N LEU B 7 -16.73 -7.88 4.68
CA LEU B 7 -15.56 -7.64 5.52
C LEU B 7 -15.91 -7.68 7.00
N MET B 8 -17.01 -7.02 7.39
N MET B 8 -16.97 -6.97 7.41
CA MET B 8 -17.39 -7.00 8.80
CA MET B 8 -17.39 -7.02 8.80
C MET B 8 -17.67 -8.41 9.33
C MET B 8 -17.54 -8.47 9.27
N GLN B 9 -18.29 -9.26 8.51
CA GLN B 9 -18.56 -10.63 8.94
C GLN B 9 -17.26 -11.44 8.99
N LYS B 10 -16.34 -11.18 8.06
CA LYS B 10 -15.06 -11.87 8.05
C LYS B 10 -14.26 -11.56 9.31
N VAL B 11 -14.25 -10.30 9.74
CA VAL B 11 -13.51 -9.98 10.97
C VAL B 11 -14.13 -10.70 12.14
N LEU B 12 -15.47 -10.70 12.25
N LEU B 12 -15.46 -10.76 12.19
CA LEU B 12 -16.11 -11.44 13.33
CA LEU B 12 -16.18 -11.40 13.28
C LEU B 12 -15.69 -12.91 13.30
C LEU B 12 -15.96 -12.90 13.30
N ASP B 13 -15.83 -13.54 12.13
CA ASP B 13 -15.63 -14.98 12.03
C ASP B 13 -14.16 -15.39 12.14
N GLU B 14 -13.24 -14.58 11.63
CA GLU B 14 -11.85 -14.98 11.49
C GLU B 14 -10.87 -14.12 12.25
N GLY B 15 -11.29 -12.98 12.78
CA GLY B 15 -10.35 -12.11 13.47
C GLY B 15 -9.81 -12.76 14.72
N THR B 16 -8.56 -12.43 15.03
CA THR B 16 -7.91 -12.86 16.28
C THR B 16 -8.04 -11.74 17.31
N GLN B 17 -8.20 -12.13 18.57
CA GLN B 17 -8.30 -11.15 19.64
C GLN B 17 -6.94 -10.53 19.87
N LYS B 18 -6.88 -9.20 19.80
CA LYS B 18 -5.64 -8.45 19.96
C LYS B 18 -5.88 -7.45 21.09
N ASN B 19 -4.86 -7.21 21.88
CA ASN B 19 -4.83 -6.02 22.71
C ASN B 19 -4.28 -4.90 21.83
N ASP B 20 -4.76 -3.69 22.03
CA ASP B 20 -4.34 -2.57 21.20
C ASP B 20 -3.93 -1.39 22.08
N ARG B 21 -3.30 -0.43 21.41
CA ARG B 21 -2.85 0.83 21.98
C ARG B 21 -3.85 1.41 22.97
N THR B 22 -5.14 1.30 22.68
CA THR B 22 -6.14 1.95 23.53
C THR B 22 -6.55 1.13 24.75
N GLY B 23 -6.19 -0.15 24.81
CA GLY B 23 -6.64 -1.03 25.87
C GLY B 23 -8.06 -1.51 25.72
N THR B 24 -8.70 -1.20 24.58
CA THR B 24 -10.08 -1.60 24.34
C THR B 24 -10.17 -3.06 23.93
N GLY B 25 -9.22 -3.50 23.12
CA GLY B 25 -9.28 -4.83 22.54
C GLY B 25 -9.97 -4.83 21.20
N THR B 26 -9.46 -5.65 20.28
CA THR B 26 -10.03 -5.77 18.95
C THR B 26 -10.06 -7.23 18.53
N LEU B 27 -10.93 -7.49 17.54
CA LEU B 27 -10.77 -8.63 16.64
C LEU B 27 -10.16 -8.08 15.37
N SER B 28 -9.13 -8.76 14.86
N SER B 28 -9.09 -8.71 14.90
CA SER B 28 -8.32 -8.19 13.80
CA SER B 28 -8.39 -8.15 13.74
C SER B 28 -7.97 -9.23 12.75
C SER B 28 -8.03 -9.23 12.74
N ILE B 29 -8.01 -8.81 11.47
CA ILE B 29 -7.38 -9.56 10.39
C ILE B 29 -6.32 -8.66 9.76
N PHE B 30 -5.47 -9.24 8.91
CA PHE B 30 -4.39 -8.50 8.29
C PHE B 30 -4.41 -8.73 6.81
N GLY B 31 -4.65 -7.67 6.05
CA GLY B 31 -4.63 -7.77 4.63
C GLY B 31 -5.99 -8.08 4.06
N HIS B 32 -6.59 -7.08 3.42
CA HIS B 32 -7.87 -7.21 2.78
C HIS B 32 -7.94 -6.21 1.65
N GLN B 33 -8.83 -6.47 0.70
CA GLN B 33 -8.96 -5.59 -0.45
C GLN B 33 -10.40 -5.64 -0.94
N MET B 34 -10.92 -4.46 -1.29
CA MET B 34 -12.24 -4.29 -1.87
C MET B 34 -12.13 -3.38 -3.08
N ARG B 35 -13.06 -3.54 -4.03
CA ARG B 35 -13.08 -2.72 -5.24
C ARG B 35 -14.47 -2.18 -5.44
N PHE B 36 -14.57 -0.87 -5.65
CA PHE B 36 -15.83 -0.20 -5.92
C PHE B 36 -15.76 0.42 -7.29
N ASN B 37 -16.57 -0.07 -8.23
CA ASN B 37 -16.70 0.57 -9.53
C ASN B 37 -17.52 1.84 -9.33
N LEU B 38 -16.88 3.00 -9.48
CA LEU B 38 -17.59 4.25 -9.19
C LEU B 38 -18.67 4.59 -10.21
N GLN B 39 -18.71 3.89 -11.35
CA GLN B 39 -19.85 4.07 -12.23
C GLN B 39 -21.06 3.27 -11.78
N ASP B 40 -20.91 2.38 -10.79
CA ASP B 40 -22.07 1.70 -10.23
C ASP B 40 -22.81 2.52 -9.18
N GLY B 41 -22.21 3.59 -8.70
CA GLY B 41 -22.82 4.46 -7.70
C GLY B 41 -21.72 4.91 -6.75
N PHE B 42 -22.05 5.96 -5.98
CA PHE B 42 -21.10 6.47 -5.00
C PHE B 42 -21.11 5.54 -3.78
N PRO B 43 -19.94 5.05 -3.35
CA PRO B 43 -19.85 3.98 -2.34
C PRO B 43 -19.96 4.52 -0.92
N LEU B 44 -21.17 4.99 -0.60
CA LEU B 44 -21.50 5.49 0.72
C LEU B 44 -22.34 4.43 1.40
N VAL B 45 -21.84 3.89 2.53
CA VAL B 45 -22.55 2.85 3.27
C VAL B 45 -24.02 3.22 3.47
N THR B 46 -24.91 2.27 3.15
CA THR B 46 -26.35 2.47 3.28
C THR B 46 -26.94 1.75 4.48
N THR B 47 -26.20 0.82 5.09
CA THR B 47 -26.75 0.10 6.23
C THR B 47 -26.61 0.87 7.54
N LYS B 48 -26.04 2.07 7.52
CA LYS B 48 -26.29 3.08 8.54
C LYS B 48 -26.08 4.43 7.88
N ARG B 49 -26.77 5.45 8.40
N ARG B 49 -26.77 5.45 8.40
CA ARG B 49 -26.63 6.78 7.82
CA ARG B 49 -26.63 6.78 7.82
C ARG B 49 -25.24 7.32 8.14
C ARG B 49 -25.24 7.33 8.14
N CYS B 50 -24.52 7.73 7.11
CA CYS B 50 -23.20 8.33 7.24
C CYS B 50 -23.31 9.80 6.85
N HIS B 51 -22.81 10.68 7.72
CA HIS B 51 -22.93 12.11 7.46
C HIS B 51 -21.71 12.60 6.70
N LEU B 52 -21.94 13.16 5.52
CA LEU B 52 -20.86 13.62 4.67
C LEU B 52 -20.40 15.03 4.99
N ARG B 53 -21.19 15.79 5.77
CA ARG B 53 -20.79 17.17 6.07
C ARG B 53 -19.35 17.20 6.53
N SER B 54 -19.01 16.33 7.48
CA SER B 54 -17.69 16.39 8.09
C SER B 54 -16.62 15.87 7.13
N ILE B 55 -16.95 14.81 6.39
CA ILE B 55 -16.06 14.26 5.35
C ILE B 55 -15.66 15.34 4.36
N ILE B 56 -16.66 16.04 3.81
CA ILE B 56 -16.37 16.97 2.73
C ILE B 56 -15.47 18.09 3.23
N HIS B 57 -15.83 18.72 4.34
CA HIS B 57 -15.01 19.79 4.87
C HIS B 57 -13.59 19.30 5.17
N GLU B 58 -13.49 18.09 5.65
CA GLU B 58 -12.17 17.57 5.98
C GLU B 58 -11.34 17.44 4.71
N LEU B 59 -11.95 16.95 3.63
CA LEU B 59 -11.19 16.77 2.39
C LEU B 59 -10.78 18.13 1.82
N LEU B 60 -11.70 19.09 1.81
CA LEU B 60 -11.35 20.43 1.37
C LEU B 60 -10.24 21.01 2.21
N TRP B 61 -10.25 20.73 3.51
CA TRP B 61 -9.19 21.19 4.42
C TRP B 61 -7.83 20.56 4.08
N PHE B 62 -7.81 19.24 3.87
CA PHE B 62 -6.63 18.55 3.36
C PHE B 62 -6.08 19.25 2.12
N LEU B 63 -6.98 19.52 1.15
CA LEU B 63 -6.53 20.07 -0.11
C LEU B 63 -5.98 21.47 0.04
N GLN B 64 -6.39 22.22 1.05
N GLN B 64 -6.43 22.21 1.07
CA GLN B 64 -5.82 23.54 1.25
CA GLN B 64 -5.88 23.52 1.40
C GLN B 64 -4.46 23.50 1.97
C GLN B 64 -4.44 23.46 1.84
N GLY B 65 -3.98 22.32 2.32
CA GLY B 65 -2.69 22.20 2.95
C GLY B 65 -2.70 22.55 4.42
N ASP B 66 -3.89 22.55 5.01
CA ASP B 66 -4.14 23.10 6.33
C ASP B 66 -4.09 22.00 7.36
N THR B 67 -3.38 22.24 8.48
CA THR B 67 -3.36 21.29 9.58
C THR B 67 -3.78 21.94 10.90
N ASN B 68 -4.26 23.17 10.85
CA ASN B 68 -4.85 23.86 11.99
C ASN B 68 -6.36 23.74 11.91
N ILE B 69 -7.00 23.35 13.01
CA ILE B 69 -8.39 22.95 12.96
C ILE B 69 -9.36 24.12 12.95
N ALA B 70 -8.85 25.35 12.87
CA ALA B 70 -9.73 26.51 12.82
C ALA B 70 -10.76 26.39 11.69
N TYR B 71 -10.28 26.15 10.46
CA TYR B 71 -11.20 25.99 9.35
C TYR B 71 -12.31 25.00 9.68
N LEU B 72 -11.95 23.91 10.36
CA LEU B 72 -12.97 22.91 10.68
C LEU B 72 -13.96 23.49 11.69
N HIS B 73 -13.45 24.26 12.64
CA HIS B 73 -14.33 24.89 13.62
C HIS B 73 -15.31 25.83 12.94
N GLU B 74 -14.81 26.71 12.06
CA GLU B 74 -15.66 27.62 11.32
C GLU B 74 -16.83 26.89 10.64
N ASN B 75 -16.70 25.61 10.39
CA ASN B 75 -17.77 24.81 9.80
C ASN B 75 -18.31 23.76 10.76
N ASN B 76 -18.11 23.97 12.06
CA ASN B 76 -18.67 23.11 13.10
C ASN B 76 -18.30 21.65 12.85
N VAL B 77 -17.01 21.45 12.58
CA VAL B 77 -16.46 20.12 12.37
C VAL B 77 -15.46 19.86 13.50
N THR B 78 -15.69 18.79 14.25
CA THR B 78 -15.02 18.58 15.54
C THR B 78 -14.13 17.35 15.57
N ILE B 79 -14.01 16.61 14.46
CA ILE B 79 -13.42 15.27 14.50
C ILE B 79 -11.92 15.26 14.77
N TRP B 80 -11.24 16.39 14.65
N TRP B 80 -11.24 16.40 14.62
CA TRP B 80 -9.83 16.45 15.03
CA TRP B 80 -9.82 16.55 14.97
C TRP B 80 -9.66 17.28 16.29
C TRP B 80 -9.62 17.21 16.33
N ASP B 81 -10.68 17.30 17.15
CA ASP B 81 -10.63 18.07 18.40
C ASP B 81 -9.63 17.48 19.38
N GLU B 82 -9.73 16.20 19.67
CA GLU B 82 -8.91 15.57 20.70
C GLU B 82 -7.43 15.94 20.59
N TRP B 83 -6.92 16.04 19.37
CA TRP B 83 -5.48 15.97 19.15
C TRP B 83 -4.83 17.31 18.85
N ALA B 84 -5.60 18.38 18.71
CA ALA B 84 -5.01 19.67 18.38
C ALA B 84 -4.37 20.32 19.60
N ASP B 85 -3.28 21.05 19.37
CA ASP B 85 -2.58 21.68 20.46
C ASP B 85 -3.32 22.93 20.91
N GLU B 86 -2.84 23.55 22.00
CA GLU B 86 -3.54 24.68 22.58
C GLU B 86 -3.75 25.82 21.57
N ASN B 87 -3.02 25.82 20.46
CA ASN B 87 -3.19 26.81 19.42
C ASN B 87 -3.99 26.29 18.22
N GLY B 88 -4.56 25.09 18.35
CA GLY B 88 -5.32 24.50 17.26
C GLY B 88 -4.48 23.86 16.17
N ASP B 89 -3.27 23.39 16.48
CA ASP B 89 -2.37 22.80 15.50
C ASP B 89 -2.28 21.30 15.71
N LEU B 90 -2.04 20.58 14.61
CA LEU B 90 -1.87 19.14 14.63
C LEU B 90 -0.49 18.70 14.19
N GLY B 91 0.38 19.64 13.83
CA GLY B 91 1.62 19.29 13.20
C GLY B 91 1.41 18.92 11.74
N PRO B 92 2.41 18.33 11.13
CA PRO B 92 2.41 18.13 9.67
C PRO B 92 1.71 16.85 9.22
N VAL B 93 0.41 16.80 9.45
CA VAL B 93 -0.42 15.66 9.06
C VAL B 93 -0.85 15.86 7.60
N TYR B 94 -1.84 15.08 7.18
CA TYR B 94 -2.24 14.97 5.78
C TYR B 94 -2.08 16.24 4.94
N GLY B 95 -2.76 17.33 5.30
CA GLY B 95 -2.74 18.51 4.45
C GLY B 95 -1.35 19.01 4.15
N LYS B 96 -0.48 19.02 5.18
CA LYS B 96 0.88 19.49 4.99
C LYS B 96 1.65 18.57 4.05
N GLN B 97 1.52 17.26 4.21
CA GLN B 97 2.25 16.32 3.35
C GLN B 97 1.69 16.35 1.93
N TRP B 98 0.38 16.51 1.78
CA TRP B 98 -0.20 16.52 0.45
C TRP B 98 0.29 17.72 -0.36
N ARG B 99 0.39 18.89 0.29
CA ARG B 99 0.60 20.15 -0.43
C ARG B 99 2.02 20.69 -0.34
N ALA B 100 2.81 20.23 0.62
CA ALA B 100 4.11 20.84 0.86
C ALA B 100 5.03 19.85 1.57
N TRP B 101 5.19 18.67 0.99
CA TRP B 101 6.14 17.69 1.51
C TRP B 101 7.53 18.31 1.52
N PRO B 102 8.21 18.36 2.66
CA PRO B 102 9.52 19.03 2.73
C PRO B 102 10.64 18.10 2.32
N THR B 103 11.53 18.57 1.43
CA THR B 103 12.69 17.79 1.06
C THR B 103 13.75 17.94 2.14
N PRO B 104 14.78 17.09 2.14
CA PRO B 104 15.82 17.25 3.17
C PRO B 104 16.59 18.57 3.02
N ASP B 105 16.58 19.17 1.83
CA ASP B 105 17.37 20.37 1.53
C ASP B 105 16.55 21.66 1.60
N GLY B 106 15.35 21.63 2.16
CA GLY B 106 14.58 22.84 2.37
C GLY B 106 13.61 23.22 1.27
N ARG B 107 13.48 22.39 0.24
CA ARG B 107 12.47 22.64 -0.79
C ARG B 107 11.17 21.96 -0.40
N HIS B 108 10.15 22.09 -1.26
CA HIS B 108 8.88 21.42 -1.03
C HIS B 108 8.35 20.85 -2.34
N ILE B 109 7.60 19.77 -2.20
CA ILE B 109 6.92 19.11 -3.30
C ILE B 109 5.44 19.15 -3.01
N ASP B 110 4.68 19.70 -3.95
CA ASP B 110 3.22 19.73 -3.88
C ASP B 110 2.74 18.46 -4.57
N GLN B 111 2.42 17.44 -3.76
CA GLN B 111 2.05 16.16 -4.35
C GLN B 111 0.75 16.23 -5.13
N ILE B 112 -0.20 17.06 -4.68
CA ILE B 112 -1.46 17.16 -5.41
C ILE B 112 -1.22 17.81 -6.77
N THR B 113 -0.51 18.94 -6.79
CA THR B 113 -0.17 19.57 -8.07
C THR B 113 0.60 18.59 -8.95
N THR B 114 1.56 17.85 -8.38
CA THR B 114 2.29 16.87 -9.16
C THR B 114 1.36 15.84 -9.81
N VAL B 115 0.45 15.27 -9.02
CA VAL B 115 -0.47 14.25 -9.55
C VAL B 115 -1.35 14.83 -10.64
N LEU B 116 -1.88 16.04 -10.43
CA LEU B 116 -2.68 16.70 -11.47
C LEU B 116 -1.89 16.80 -12.76
N ASN B 117 -0.63 17.22 -12.67
CA ASN B 117 0.17 17.38 -13.88
C ASN B 117 0.55 16.03 -14.47
N GLN B 118 0.77 15.01 -13.65
CA GLN B 118 1.00 13.68 -14.18
C GLN B 118 -0.22 13.16 -14.92
N LEU B 119 -1.41 13.35 -14.35
CA LEU B 119 -2.62 12.87 -15.01
C LEU B 119 -2.85 13.57 -16.33
N LYS B 120 -2.53 14.86 -16.40
CA LYS B 120 -2.76 15.64 -17.61
C LYS B 120 -1.66 15.48 -18.65
N ASN B 121 -0.44 15.17 -18.24
CA ASN B 121 0.69 15.10 -19.17
C ASN B 121 1.26 13.71 -19.36
N ASP B 122 1.11 12.82 -18.37
CA ASP B 122 1.72 11.49 -18.39
C ASP B 122 0.77 10.46 -17.76
N PRO B 123 -0.44 10.33 -18.32
CA PRO B 123 -1.46 9.50 -17.65
C PRO B 123 -1.10 8.04 -17.57
N ASP B 124 -0.19 7.54 -18.42
CA ASP B 124 0.25 6.15 -18.34
C ASP B 124 1.25 5.91 -17.23
N SER B 125 1.69 6.95 -16.52
CA SER B 125 2.71 6.79 -15.50
C SER B 125 2.28 5.77 -14.44
N ARG B 126 3.24 4.98 -13.98
CA ARG B 126 3.03 4.03 -12.89
C ARG B 126 3.46 4.61 -11.55
N ARG B 127 3.71 5.91 -11.51
CA ARG B 127 4.29 6.61 -10.36
C ARG B 127 3.36 7.72 -9.87
N ILE B 128 2.06 7.61 -10.07
CA ILE B 128 1.13 8.73 -9.75
C ILE B 128 0.64 8.48 -8.32
N ILE B 129 1.39 9.00 -7.36
CA ILE B 129 1.25 8.62 -5.96
C ILE B 129 1.20 9.85 -5.08
N VAL B 130 0.40 9.78 -4.02
CA VAL B 130 0.43 10.74 -2.92
C VAL B 130 0.71 9.95 -1.65
N SER B 131 1.73 10.34 -0.91
CA SER B 131 2.03 9.66 0.35
C SER B 131 1.96 10.63 1.51
N ALA B 132 1.25 10.23 2.56
CA ALA B 132 1.24 10.94 3.81
C ALA B 132 2.23 10.36 4.81
N TRP B 133 2.87 9.24 4.46
CA TRP B 133 3.73 8.53 5.40
C TRP B 133 5.15 9.11 5.30
N ASN B 134 5.27 10.30 5.87
CA ASN B 134 6.54 11.00 5.88
C ASN B 134 7.28 10.56 7.14
N VAL B 135 8.14 9.56 6.96
CA VAL B 135 8.81 8.91 8.07
C VAL B 135 9.49 9.95 8.95
N GLY B 136 10.14 10.92 8.31
CA GLY B 136 10.91 11.92 9.02
C GLY B 136 10.11 12.94 9.79
N GLU B 137 8.78 12.96 9.63
CA GLU B 137 7.95 13.87 10.38
C GLU B 137 6.89 13.19 11.23
N LEU B 138 6.85 11.85 11.29
CA LEU B 138 5.86 11.14 12.11
C LEU B 138 5.89 11.63 13.56
N ASP B 139 7.08 11.90 14.08
CA ASP B 139 7.21 12.27 15.48
C ASP B 139 6.53 13.59 15.78
N LYS B 140 6.39 14.46 14.77
CA LYS B 140 5.78 15.78 14.93
C LYS B 140 4.28 15.76 14.71
N MET B 141 3.74 14.69 14.16
CA MET B 141 2.32 14.60 13.84
C MET B 141 1.50 14.28 15.08
N ALA B 142 0.37 14.98 15.23
CA ALA B 142 -0.53 14.66 16.34
C ALA B 142 -0.95 13.20 16.31
N LEU B 143 -1.08 12.62 15.12
N LEU B 143 -1.09 12.61 15.12
CA LEU B 143 -1.48 11.23 14.92
CA LEU B 143 -1.46 11.20 14.98
C LEU B 143 -0.71 10.69 13.72
C LEU B 143 -0.83 10.65 13.71
N ALA B 144 -0.36 9.39 13.77
CA ALA B 144 0.24 8.76 12.60
C ALA B 144 -0.84 8.49 11.54
N PRO B 145 -0.60 8.83 10.28
CA PRO B 145 -1.68 8.71 9.28
C PRO B 145 -2.13 7.27 9.14
N CYS B 146 -3.47 7.09 9.12
N CYS B 146 -3.44 7.04 9.26
CA CYS B 146 -4.06 5.80 8.80
CA CYS B 146 -3.91 5.71 8.97
C CYS B 146 -4.10 5.60 7.30
C CYS B 146 -4.20 5.54 7.49
N HIS B 147 -4.63 6.58 6.55
N HIS B 147 -4.26 6.64 6.74
CA HIS B 147 -4.59 6.47 5.09
CA HIS B 147 -4.41 6.65 5.29
C HIS B 147 -3.19 6.94 4.66
C HIS B 147 -3.06 7.00 4.71
N ALA B 148 -2.26 5.98 4.53
CA ALA B 148 -0.84 6.22 4.43
C ALA B 148 -0.41 6.69 3.06
N PHE B 149 -1.07 6.19 1.99
N PHE B 149 -1.01 6.16 2.02
CA PHE B 149 -0.49 6.05 0.65
CA PHE B 149 -0.75 6.74 0.72
C PHE B 149 -1.61 5.84 -0.37
C PHE B 149 -1.81 6.22 -0.21
N PHE B 150 -1.77 6.71 -1.41
CA PHE B 150 -2.72 6.33 -2.46
C PHE B 150 -2.09 6.56 -3.83
N GLN B 151 -2.60 5.79 -4.80
CA GLN B 151 -2.06 5.76 -6.13
C GLN B 151 -3.19 5.92 -7.13
N PHE B 152 -2.97 6.72 -8.16
CA PHE B 152 -3.91 6.86 -9.26
C PHE B 152 -3.44 6.08 -10.48
N TYR B 153 -4.42 5.80 -11.35
CA TYR B 153 -4.20 4.97 -12.55
C TYR B 153 -5.22 5.37 -13.59
N VAL B 154 -4.79 5.40 -14.86
CA VAL B 154 -5.67 5.76 -15.96
C VAL B 154 -5.65 4.65 -17.00
N ALA B 155 -6.83 4.20 -17.38
CA ALA B 155 -6.99 3.26 -18.49
C ALA B 155 -8.29 3.55 -19.21
N ASP B 156 -8.21 3.69 -20.54
CA ASP B 156 -9.37 3.88 -21.39
C ASP B 156 -10.22 5.07 -20.91
N GLY B 157 -9.54 6.16 -20.58
CA GLY B 157 -10.21 7.37 -20.17
C GLY B 157 -10.86 7.35 -18.81
N LYS B 158 -10.58 6.35 -17.96
CA LYS B 158 -11.16 6.26 -16.63
C LYS B 158 -10.07 6.36 -15.58
N LEU B 159 -10.36 7.12 -14.53
CA LEU B 159 -9.45 7.35 -13.43
C LEU B 159 -9.77 6.40 -12.28
N SER B 160 -8.79 5.60 -11.86
CA SER B 160 -8.95 4.76 -10.70
C SER B 160 -7.99 5.23 -9.62
N CYS B 161 -8.25 4.78 -8.38
CA CYS B 161 -7.41 5.14 -7.25
C CYS B 161 -7.40 3.96 -6.29
N GLN B 162 -6.23 3.70 -5.71
CA GLN B 162 -6.08 2.67 -4.68
C GLN B 162 -5.50 3.32 -3.43
N LEU B 163 -6.14 3.06 -2.30
CA LEU B 163 -5.73 3.55 -0.99
C LEU B 163 -5.15 2.39 -0.19
N TYR B 164 -3.99 2.62 0.44
CA TYR B 164 -3.45 1.70 1.45
C TYR B 164 -3.73 2.29 2.83
N GLN B 165 -4.63 1.65 3.60
CA GLN B 165 -5.01 2.07 4.94
C GLN B 165 -4.33 1.11 5.92
N ARG B 166 -3.35 1.63 6.69
CA ARG B 166 -2.52 0.75 7.52
C ARG B 166 -3.31 0.19 8.69
N SER B 167 -4.33 0.92 9.11
CA SER B 167 -5.09 0.63 10.31
C SER B 167 -6.51 1.07 10.08
N CYS B 168 -7.47 0.16 10.28
CA CYS B 168 -8.83 0.43 9.85
C CYS B 168 -9.79 -0.02 10.93
N ASP B 169 -10.46 0.95 11.56
CA ASP B 169 -11.59 0.71 12.43
C ASP B 169 -12.77 0.43 11.50
N VAL B 170 -13.14 -0.84 11.34
CA VAL B 170 -14.10 -1.19 10.29
C VAL B 170 -15.42 -0.52 10.53
N PHE B 171 -15.85 -0.43 11.82
CA PHE B 171 -17.18 0.11 12.09
C PHE B 171 -17.22 1.63 11.97
N LEU B 172 -16.30 2.33 12.65
CA LEU B 172 -16.41 3.78 12.74
C LEU B 172 -15.63 4.51 11.66
N GLY B 173 -14.48 3.98 11.25
CA GLY B 173 -13.61 4.69 10.33
C GLY B 173 -13.89 4.40 8.87
N LEU B 174 -13.97 3.12 8.53
CA LEU B 174 -13.98 2.75 7.12
C LEU B 174 -15.09 3.37 6.28
N PRO B 175 -16.34 3.46 6.73
CA PRO B 175 -17.34 4.10 5.85
C PRO B 175 -16.96 5.49 5.44
N PHE B 176 -16.40 6.26 6.38
CA PHE B 176 -16.01 7.62 6.07
C PHE B 176 -14.76 7.67 5.21
N ASN B 177 -13.81 6.74 5.45
CA ASN B 177 -12.58 6.72 4.67
C ASN B 177 -12.84 6.33 3.21
N ILE B 178 -13.77 5.40 2.97
CA ILE B 178 -14.12 5.08 1.59
C ILE B 178 -14.75 6.29 0.90
N ALA B 179 -15.67 6.97 1.60
CA ALA B 179 -16.36 8.10 0.98
C ALA B 179 -15.40 9.23 0.64
N SER B 180 -14.45 9.50 1.53
N SER B 180 -14.46 9.52 1.55
CA SER B 180 -13.52 10.61 1.30
CA SER B 180 -13.50 10.61 1.32
C SER B 180 -12.71 10.41 0.03
C SER B 180 -12.73 10.39 0.03
N TYR B 181 -12.12 9.22 -0.13
CA TYR B 181 -11.29 8.97 -1.30
C TYR B 181 -12.13 8.80 -2.57
N ALA B 182 -13.34 8.25 -2.48
CA ALA B 182 -14.22 8.23 -3.64
C ALA B 182 -14.55 9.65 -4.09
N LEU B 183 -14.81 10.54 -3.14
N LEU B 183 -14.85 10.54 -3.14
CA LEU B 183 -15.07 11.92 -3.50
CA LEU B 183 -15.06 11.94 -3.49
C LEU B 183 -13.87 12.53 -4.20
C LEU B 183 -13.86 12.48 -4.24
N LEU B 184 -12.65 12.22 -3.72
CA LEU B 184 -11.46 12.80 -4.32
C LEU B 184 -11.29 12.31 -5.75
N VAL B 185 -11.58 11.03 -6.00
CA VAL B 185 -11.46 10.52 -7.37
C VAL B 185 -12.39 11.30 -8.32
N HIS B 186 -13.64 11.56 -7.90
CA HIS B 186 -14.54 12.33 -8.76
C HIS B 186 -13.98 13.72 -9.02
N MET B 187 -13.41 14.35 -7.98
CA MET B 187 -12.90 15.71 -8.14
C MET B 187 -11.71 15.72 -9.09
N MET B 188 -10.78 14.78 -8.91
N MET B 188 -10.77 14.79 -8.88
CA MET B 188 -9.63 14.74 -9.80
CA MET B 188 -9.61 14.67 -9.76
C MET B 188 -10.04 14.37 -11.22
C MET B 188 -10.05 14.38 -11.19
N ALA B 189 -10.98 13.43 -11.36
CA ALA B 189 -11.46 13.08 -12.69
C ALA B 189 -12.07 14.29 -13.39
N GLN B 190 -12.82 15.11 -12.65
CA GLN B 190 -13.42 16.28 -13.27
C GLN B 190 -12.36 17.28 -13.71
N GLN B 191 -11.34 17.50 -12.89
CA GLN B 191 -10.31 18.48 -13.23
C GLN B 191 -9.42 18.00 -14.37
N CYS B 192 -9.36 16.69 -14.61
CA CYS B 192 -8.53 16.12 -15.66
C CYS B 192 -9.37 15.64 -16.86
N ASP B 193 -10.66 15.95 -16.90
N ASP B 193 -10.65 15.95 -16.89
CA ASP B 193 -11.53 15.55 -18.01
CA ASP B 193 -11.55 15.55 -17.98
C ASP B 193 -11.50 14.05 -18.25
C ASP B 193 -11.49 14.05 -18.25
N LEU B 194 -11.56 13.28 -17.16
CA LEU B 194 -11.61 11.82 -17.21
C LEU B 194 -12.94 11.35 -16.63
N GLU B 195 -13.30 10.11 -16.97
CA GLU B 195 -14.43 9.44 -16.35
C GLU B 195 -13.93 8.74 -15.09
N VAL B 196 -14.84 8.41 -14.18
CA VAL B 196 -14.41 7.71 -12.97
C VAL B 196 -14.34 6.21 -13.23
N GLY B 197 -13.31 5.58 -12.65
CA GLY B 197 -13.13 4.14 -12.74
C GLY B 197 -13.40 3.48 -11.41
N ASP B 198 -12.41 2.76 -10.88
CA ASP B 198 -12.55 2.03 -9.64
C ASP B 198 -11.87 2.75 -8.49
N PHE B 199 -12.46 2.65 -7.30
CA PHE B 199 -11.75 2.93 -6.04
C PHE B 199 -11.42 1.57 -5.40
N VAL B 200 -10.13 1.28 -5.28
CA VAL B 200 -9.65 0.05 -4.67
C VAL B 200 -9.19 0.37 -3.26
N TRP B 201 -9.78 -0.30 -2.26
CA TRP B 201 -9.41 -0.12 -0.86
C TRP B 201 -8.58 -1.30 -0.41
N THR B 202 -7.39 -1.04 0.14
CA THR B 202 -6.54 -2.10 0.71
C THR B 202 -6.24 -1.79 2.16
N GLY B 203 -6.47 -2.77 3.03
CA GLY B 203 -6.26 -2.61 4.47
C GLY B 203 -5.09 -3.43 4.98
N GLY B 204 -4.41 -2.89 5.98
CA GLY B 204 -3.45 -3.61 6.80
C GLY B 204 -4.15 -4.24 7.98
N ASP B 205 -3.94 -3.70 9.17
CA ASP B 205 -4.60 -4.17 10.39
C ASP B 205 -6.04 -3.68 10.37
N THR B 206 -6.94 -4.61 10.10
CA THR B 206 -8.33 -4.32 9.81
C THR B 206 -9.16 -4.92 10.94
N HIS B 207 -9.82 -4.08 11.73
CA HIS B 207 -10.27 -4.55 13.03
C HIS B 207 -11.64 -4.02 13.41
N LEU B 208 -12.29 -4.76 14.30
CA LEU B 208 -13.48 -4.31 15.00
C LEU B 208 -13.16 -4.19 16.49
N TYR B 209 -13.50 -3.05 17.08
CA TYR B 209 -13.26 -2.87 18.50
C TYR B 209 -14.22 -3.72 19.32
N SER B 210 -13.74 -4.19 20.47
N SER B 210 -13.74 -4.16 20.49
CA SER B 210 -14.55 -5.10 21.28
CA SER B 210 -14.49 -5.09 21.32
C SER B 210 -15.86 -4.44 21.70
C SER B 210 -15.72 -4.47 21.97
N ASN B 211 -15.86 -3.13 21.92
CA ASN B 211 -17.06 -2.45 22.37
C ASN B 211 -17.92 -1.95 21.21
N HIS B 212 -17.67 -2.45 20.01
CA HIS B 212 -18.50 -2.19 18.83
C HIS B 212 -19.28 -3.42 18.39
N MET B 213 -19.35 -4.46 19.22
CA MET B 213 -19.88 -5.73 18.75
C MET B 213 -21.39 -5.70 18.63
N ASP B 214 -22.09 -5.10 19.60
CA ASP B 214 -23.55 -4.99 19.48
C ASP B 214 -23.92 -4.18 18.25
N GLN B 215 -23.16 -3.12 17.98
CA GLN B 215 -23.44 -2.29 16.82
C GLN B 215 -23.19 -3.05 15.53
N THR B 216 -22.13 -3.87 15.53
CA THR B 216 -21.80 -4.71 14.38
C THR B 216 -22.91 -5.72 14.11
N HIS B 217 -23.37 -6.41 15.15
CA HIS B 217 -24.43 -7.38 14.92
C HIS B 217 -25.70 -6.70 14.41
N LEU B 218 -26.01 -5.50 14.90
CA LEU B 218 -27.17 -4.78 14.39
C LEU B 218 -27.01 -4.45 12.91
N GLN B 219 -25.83 -3.99 12.53
CA GLN B 219 -25.65 -3.56 11.15
C GLN B 219 -25.70 -4.75 10.20
N LEU B 220 -25.16 -5.89 10.65
CA LEU B 220 -25.10 -7.08 9.80
C LEU B 220 -26.48 -7.67 9.61
N SER B 221 -27.44 -7.27 10.43
CA SER B 221 -28.83 -7.66 10.27
C SER B 221 -29.56 -6.85 9.22
N ARG B 222 -28.93 -5.86 8.61
CA ARG B 222 -29.60 -4.93 7.71
C ARG B 222 -29.20 -5.23 6.27
N GLU B 223 -30.15 -5.10 5.35
CA GLU B 223 -29.79 -5.33 3.97
C GLU B 223 -29.35 -4.03 3.30
N PRO B 224 -28.28 -4.08 2.50
CA PRO B 224 -27.86 -2.85 1.80
C PRO B 224 -28.90 -2.43 0.80
N ARG B 225 -28.80 -1.17 0.39
CA ARG B 225 -29.74 -0.59 -0.55
C ARG B 225 -28.96 -0.01 -1.70
N PRO B 226 -29.60 0.24 -2.82
CA PRO B 226 -28.84 0.73 -3.98
C PRO B 226 -28.08 2.00 -3.61
N LEU B 227 -26.88 2.11 -4.19
CA LEU B 227 -25.98 3.20 -3.90
C LEU B 227 -26.51 4.52 -4.43
N PRO B 228 -26.17 5.62 -3.79
CA PRO B 228 -26.57 6.95 -4.26
C PRO B 228 -25.66 7.42 -5.40
N LYS B 229 -25.92 8.63 -5.89
CA LYS B 229 -25.21 9.22 -7.00
C LYS B 229 -24.63 10.56 -6.55
N LEU B 230 -23.34 10.75 -6.77
CA LEU B 230 -22.70 12.03 -6.49
C LEU B 230 -22.90 12.97 -7.67
N ILE B 231 -23.46 14.15 -7.40
CA ILE B 231 -23.53 15.23 -8.37
C ILE B 231 -22.58 16.33 -7.94
N ILE B 232 -21.72 16.76 -8.86
CA ILE B 232 -20.93 17.97 -8.66
C ILE B 232 -21.61 19.07 -9.46
N LYS B 233 -22.07 20.09 -8.74
CA LYS B 233 -22.93 21.12 -9.30
C LYS B 233 -22.20 22.19 -10.09
N ARG B 234 -20.89 22.33 -9.87
CA ARG B 234 -20.08 23.42 -10.41
C ARG B 234 -18.69 22.85 -10.68
N LYS B 235 -18.10 23.21 -11.83
CA LYS B 235 -16.71 22.80 -12.09
C LYS B 235 -15.78 23.95 -11.75
N PRO B 236 -15.05 23.88 -10.63
CA PRO B 236 -14.15 24.99 -10.28
C PRO B 236 -12.94 25.07 -11.20
N GLU B 237 -12.23 26.19 -11.05
CA GLU B 237 -11.06 26.47 -11.87
C GLU B 237 -9.92 25.49 -11.60
N SER B 238 -9.89 24.88 -10.41
CA SER B 238 -8.83 23.94 -10.06
C SER B 238 -9.33 23.02 -8.94
N ILE B 239 -8.53 21.97 -8.66
CA ILE B 239 -8.84 21.02 -7.60
C ILE B 239 -8.84 21.67 -6.23
N PHE B 240 -8.30 22.87 -6.12
CA PHE B 240 -8.19 23.57 -4.85
C PHE B 240 -9.29 24.59 -4.63
N ASP B 241 -10.29 24.63 -5.52
CA ASP B 241 -11.32 25.66 -5.51
C ASP B 241 -12.72 25.12 -5.28
N TYR B 242 -12.85 23.87 -4.83
CA TYR B 242 -14.15 23.32 -4.54
C TYR B 242 -14.70 23.90 -3.25
N ARG B 243 -16.01 23.77 -3.10
CA ARG B 243 -16.75 24.28 -1.97
C ARG B 243 -17.75 23.22 -1.53
N PHE B 244 -18.10 23.25 -0.25
CA PHE B 244 -19.05 22.28 0.27
C PHE B 244 -20.31 22.24 -0.59
N GLU B 245 -20.78 23.43 -1.01
CA GLU B 245 -22.03 23.56 -1.75
C GLU B 245 -21.96 22.95 -3.13
N ASP B 246 -20.76 22.57 -3.60
CA ASP B 246 -20.63 22.01 -4.93
C ASP B 246 -21.09 20.57 -5.01
N PHE B 247 -21.27 19.89 -3.87
CA PHE B 247 -21.55 18.47 -3.85
C PHE B 247 -22.98 18.19 -3.41
N GLU B 248 -23.64 17.30 -4.14
CA GLU B 248 -24.96 16.81 -3.80
C GLU B 248 -24.96 15.29 -3.94
N ILE B 249 -25.51 14.61 -2.95
CA ILE B 249 -25.71 13.17 -3.00
C ILE B 249 -27.19 12.92 -3.28
N GLU B 250 -27.46 12.39 -4.46
CA GLU B 250 -28.82 12.13 -4.91
C GLU B 250 -29.17 10.68 -4.62
N GLY B 251 -30.33 10.48 -4.00
CA GLY B 251 -30.87 9.15 -3.80
C GLY B 251 -30.22 8.35 -2.69
N TYR B 252 -29.81 9.00 -1.61
CA TYR B 252 -29.23 8.31 -0.46
C TYR B 252 -30.37 8.01 0.51
N ASP B 253 -30.65 6.73 0.67
CA ASP B 253 -31.79 6.28 1.47
C ASP B 253 -31.31 5.23 2.45
N PRO B 254 -30.44 5.62 3.38
CA PRO B 254 -29.84 4.65 4.29
C PRO B 254 -30.77 4.24 5.42
N HIS B 255 -30.43 3.10 6.02
CA HIS B 255 -30.91 2.71 7.33
C HIS B 255 -30.47 3.75 8.38
N PRO B 256 -31.09 3.72 9.56
CA PRO B 256 -30.74 4.71 10.59
C PRO B 256 -29.29 4.62 11.05
N GLY B 257 -28.76 5.76 11.49
CA GLY B 257 -27.43 5.79 12.03
C GLY B 257 -27.30 4.90 13.26
N ILE B 258 -26.07 4.48 13.52
CA ILE B 258 -25.73 3.62 14.65
C ILE B 258 -24.61 4.30 15.41
N LYS B 259 -24.86 4.64 16.68
CA LYS B 259 -23.85 5.27 17.51
C LYS B 259 -22.97 4.26 18.25
N ALA B 260 -21.67 4.58 18.35
CA ALA B 260 -20.72 3.72 19.06
C ALA B 260 -19.56 4.54 19.60
N PRO B 261 -19.00 4.16 20.75
CA PRO B 261 -17.94 4.99 21.36
C PRO B 261 -16.61 4.80 20.66
N VAL B 262 -15.93 5.92 20.42
CA VAL B 262 -14.66 5.87 19.70
C VAL B 262 -13.53 5.52 20.66
N ALA B 263 -12.55 4.76 20.17
CA ALA B 263 -11.40 4.36 20.97
C ALA B 263 -10.32 5.44 20.84
N ILE B 264 -9.97 6.07 21.96
CA ILE B 264 -9.09 7.24 21.93
C ILE B 264 -7.62 6.81 21.97
#